data_4DIX
#
_entry.id   4DIX
#
_cell.length_a   76.329
_cell.length_b   76.329
_cell.length_c   161.856
_cell.angle_alpha   90.000
_cell.angle_beta   90.000
_cell.angle_gamma   120.000
#
_symmetry.space_group_name_H-M   'P 31 2 1'
#
loop_
_entity.id
_entity.type
_entity.pdbx_description
1 polymer 'Plectin-related protein'
2 non-polymer 'MALONATE ION'
3 water water
#
_entity_poly.entity_id   1
_entity_poly.type   'polypeptide(L)'
_entity_poly.pdbx_seq_one_letter_code
;GPSSSKSEENISLVYEIDGTEALGSCLRVRPCSNDAPDLSKCTIQWYRSSSDGSKKELISGATKSVYAPEPFDVGRVLHA
DIIYDGHSLSLSTVGKIDPAAGLGSYVEALVRKHDVDFNVVVTQMSGEDHTSESIHLFHVGKMRIKLCKGKTVIAKEYYS
SAMQLCGVRGGGNAAAQALYWQAKKGVSFVIAFESERERNAAIMLARRFACDCNVTLAGPEDRTETGQSP
;
_entity_poly.pdbx_strand_id   A,B
#
loop_
_chem_comp.id
_chem_comp.type
_chem_comp.name
_chem_comp.formula
MLI non-polymer 'MALONATE ION' 'C3 H2 O4 -2'
#
# COMPACT_ATOMS: atom_id res chain seq x y z
N LEU A 13 -3.98 -39.71 -16.28
CA LEU A 13 -2.65 -40.20 -15.82
C LEU A 13 -2.43 -39.99 -14.31
N VAL A 14 -1.35 -39.31 -13.93
CA VAL A 14 -0.84 -39.26 -12.55
C VAL A 14 -1.45 -38.11 -11.71
N TYR A 15 -1.80 -37.03 -12.40
CA TYR A 15 -2.52 -35.90 -11.80
C TYR A 15 -3.76 -35.60 -12.62
N GLU A 16 -4.68 -34.86 -12.03
CA GLU A 16 -5.86 -34.38 -12.73
C GLU A 16 -6.20 -32.98 -12.23
N ILE A 17 -6.94 -32.24 -13.04
CA ILE A 17 -7.52 -30.98 -12.59
C ILE A 17 -8.86 -31.29 -11.90
N ASP A 18 -9.06 -30.64 -10.76
CA ASP A 18 -10.28 -30.82 -9.98
C ASP A 18 -10.89 -29.45 -9.67
N GLY A 19 -12.21 -29.41 -9.60
CA GLY A 19 -12.89 -28.17 -9.24
C GLY A 19 -14.03 -27.83 -10.17
N THR A 20 -14.96 -27.05 -9.65
CA THR A 20 -16.04 -26.54 -10.49
C THR A 20 -15.46 -25.53 -11.47
N GLU A 21 -15.86 -25.65 -12.73
CA GLU A 21 -15.26 -24.85 -13.80
C GLU A 21 -16.12 -23.62 -14.04
N ALA A 22 -16.04 -22.69 -13.10
CA ALA A 22 -16.93 -21.54 -13.09
C ALA A 22 -16.23 -20.40 -12.40
N LEU A 23 -16.51 -19.18 -12.85
CA LEU A 23 -16.01 -17.97 -12.22
C LEU A 23 -16.59 -17.85 -10.81
N GLY A 24 -15.73 -17.86 -9.79
CA GLY A 24 -16.17 -17.95 -8.40
C GLY A 24 -15.59 -19.17 -7.70
N SER A 25 -15.14 -20.15 -8.48
CA SER A 25 -14.57 -21.38 -7.93
C SER A 25 -13.05 -21.42 -8.05
N CYS A 26 -12.46 -22.44 -7.44
CA CYS A 26 -11.03 -22.69 -7.53
CA CYS A 26 -11.02 -22.72 -7.52
C CYS A 26 -10.76 -24.01 -8.26
N LEU A 27 -9.75 -24.00 -9.12
CA LEU A 27 -9.28 -25.22 -9.77
C LEU A 27 -7.98 -25.64 -9.13
N ARG A 28 -7.75 -26.93 -9.05
CA ARG A 28 -6.47 -27.39 -8.53
C ARG A 28 -5.97 -28.60 -9.27
N VAL A 29 -4.66 -28.70 -9.35
CA VAL A 29 -4.02 -29.93 -9.78
C VAL A 29 -3.90 -30.82 -8.55
N ARG A 30 -4.46 -32.02 -8.63
CA ARG A 30 -4.38 -32.96 -7.52
C ARG A 30 -3.81 -34.31 -7.97
N PRO A 31 -3.06 -34.96 -7.08
CA PRO A 31 -2.55 -36.30 -7.38
C PRO A 31 -3.68 -37.32 -7.48
N CYS A 32 -3.55 -38.28 -8.41
CA CYS A 32 -4.48 -39.39 -8.53
C CYS A 32 -3.99 -40.58 -7.71
N SER A 33 -2.71 -40.56 -7.34
CA SER A 33 -2.09 -41.64 -6.57
C SER A 33 -1.19 -41.09 -5.45
N ASN A 34 -1.00 -41.90 -4.40
CA ASN A 34 -0.06 -41.57 -3.32
C ASN A 34 1.41 -41.66 -3.78
N ASP A 35 1.62 -42.37 -4.88
CA ASP A 35 2.96 -42.51 -5.47
C ASP A 35 3.38 -41.29 -6.28
N ALA A 36 2.41 -40.43 -6.60
CA ALA A 36 2.69 -39.16 -7.28
C ALA A 36 3.53 -38.26 -6.40
N PRO A 37 4.58 -37.63 -6.95
CA PRO A 37 5.42 -36.70 -6.19
C PRO A 37 4.61 -35.58 -5.54
N ASP A 38 5.09 -35.09 -4.39
CA ASP A 38 4.50 -33.92 -3.74
C ASP A 38 4.48 -32.74 -4.71
N LEU A 39 3.40 -31.97 -4.66
CA LEU A 39 3.23 -30.81 -5.54
C LEU A 39 4.30 -29.74 -5.32
N SER A 40 4.83 -29.65 -4.10
CA SER A 40 5.90 -28.71 -3.80
C SER A 40 7.20 -29.02 -4.58
N LYS A 41 7.34 -30.28 -5.00
CA LYS A 41 8.49 -30.73 -5.78
C LYS A 41 8.24 -30.63 -7.29
N CYS A 42 7.04 -30.19 -7.66
CA CYS A 42 6.64 -30.10 -9.07
C CYS A 42 6.77 -28.66 -9.58
N THR A 43 6.83 -28.53 -10.89
CA THR A 43 6.81 -27.23 -11.55
C THR A 43 5.53 -27.17 -12.37
N ILE A 44 4.68 -26.19 -12.06
CA ILE A 44 3.35 -26.08 -12.63
C ILE A 44 3.19 -24.73 -13.33
N GLN A 45 2.51 -24.71 -14.47
CA GLN A 45 2.13 -23.46 -15.11
C GLN A 45 0.73 -23.56 -15.69
N TRP A 46 -0.09 -22.53 -15.44
CA TRP A 46 -1.44 -22.46 -16.01
C TRP A 46 -1.52 -21.62 -17.24
N TYR A 47 -2.44 -21.98 -18.13
CA TYR A 47 -2.69 -21.24 -19.37
C TYR A 47 -4.18 -21.12 -19.61
N ARG A 48 -4.57 -20.13 -20.42
CA ARG A 48 -5.93 -20.07 -20.95
C ARG A 48 -5.91 -20.24 -22.47
N SER A 49 -6.88 -20.95 -23.00
CA SER A 49 -7.04 -20.96 -24.47
C SER A 49 -7.24 -19.53 -24.96
N SER A 50 -6.68 -19.24 -26.13
CA SER A 50 -6.90 -17.95 -26.79
C SER A 50 -8.38 -17.76 -27.16
N SER A 51 -8.75 -16.52 -27.48
CA SER A 51 -10.16 -16.22 -27.81
C SER A 51 -10.63 -16.98 -29.04
N ASP A 52 -9.73 -17.18 -30.00
CA ASP A 52 -10.07 -17.96 -31.19
C ASP A 52 -9.79 -19.47 -31.01
N GLY A 53 -9.44 -19.85 -29.78
CA GLY A 53 -9.23 -21.25 -29.40
C GLY A 53 -8.04 -21.97 -30.03
N SER A 54 -7.26 -21.25 -30.83
CA SER A 54 -6.18 -21.85 -31.62
C SER A 54 -4.91 -22.20 -30.82
N LYS A 55 -4.65 -21.47 -29.73
CA LYS A 55 -3.45 -21.73 -28.94
C LYS A 55 -3.67 -21.47 -27.46
N LYS A 56 -2.69 -21.84 -26.65
CA LYS A 56 -2.82 -21.52 -25.25
C LYS A 56 -1.89 -20.39 -24.82
N GLU A 57 -2.40 -19.55 -23.93
CA GLU A 57 -1.72 -18.32 -23.53
C GLU A 57 -1.31 -18.50 -22.10
N LEU A 58 -0.02 -18.37 -21.83
CA LEU A 58 0.52 -18.57 -20.49
C LEU A 58 -0.03 -17.47 -19.59
N ILE A 59 -0.59 -17.85 -18.43
CA ILE A 59 -1.12 -16.88 -17.45
C ILE A 59 0.05 -16.54 -16.52
N SER A 60 0.63 -15.36 -16.72
CA SER A 60 1.89 -15.04 -16.10
C SER A 60 1.76 -14.98 -14.59
N GLY A 61 2.60 -15.77 -13.92
CA GLY A 61 2.56 -15.83 -12.46
C GLY A 61 1.70 -16.93 -11.89
N ALA A 62 0.90 -17.57 -12.74
CA ALA A 62 0.02 -18.66 -12.30
C ALA A 62 0.80 -19.97 -12.26
N THR A 63 1.61 -20.12 -11.22
CA THR A 63 2.56 -21.22 -11.10
C THR A 63 2.33 -22.11 -9.89
N LYS A 64 1.14 -22.01 -9.31
CA LYS A 64 0.80 -22.85 -8.16
C LYS A 64 -0.13 -24.00 -8.57
N SER A 65 -0.26 -25.00 -7.69
CA SER A 65 -1.21 -26.10 -7.91
C SER A 65 -2.66 -25.62 -7.94
N VAL A 66 -2.90 -24.42 -7.40
CA VAL A 66 -4.23 -23.84 -7.36
C VAL A 66 -4.30 -22.61 -8.27
N TYR A 67 -5.38 -22.53 -9.05
CA TYR A 67 -5.63 -21.35 -9.86
C TYR A 67 -7.13 -21.07 -9.83
N ALA A 68 -7.46 -19.84 -9.46
CA ALA A 68 -8.85 -19.40 -9.42
C ALA A 68 -9.15 -18.61 -10.69
N PRO A 69 -10.08 -19.07 -11.51
CA PRO A 69 -10.49 -18.30 -12.69
C PRO A 69 -10.87 -16.84 -12.35
N GLU A 70 -10.57 -15.95 -13.28
CA GLU A 70 -10.97 -14.56 -13.19
C GLU A 70 -11.78 -14.21 -14.46
N PRO A 71 -12.30 -12.97 -14.58
CA PRO A 71 -13.19 -12.65 -15.70
C PRO A 71 -12.66 -12.97 -17.10
N PHE A 72 -11.35 -12.80 -17.34
CA PHE A 72 -10.80 -13.09 -18.67
C PHE A 72 -10.82 -14.58 -19.02
N ASP A 73 -10.98 -15.43 -18.01
CA ASP A 73 -11.01 -16.86 -18.20
C ASP A 73 -12.38 -17.37 -18.62
N VAL A 74 -13.41 -16.56 -18.45
CA VAL A 74 -14.77 -16.99 -18.75
C VAL A 74 -14.88 -17.27 -20.25
N GLY A 75 -15.44 -18.43 -20.60
CA GLY A 75 -15.55 -18.84 -21.99
C GLY A 75 -14.30 -19.45 -22.58
N ARG A 76 -13.31 -19.71 -21.71
CA ARG A 76 -12.04 -20.33 -22.11
C ARG A 76 -11.81 -21.65 -21.42
N VAL A 77 -11.20 -22.58 -22.13
CA VAL A 77 -10.68 -23.79 -21.51
C VAL A 77 -9.38 -23.40 -20.78
N LEU A 78 -9.20 -23.88 -19.56
CA LEU A 78 -7.94 -23.64 -18.87
C LEU A 78 -7.06 -24.87 -18.90
N HIS A 79 -5.75 -24.66 -18.80
CA HIS A 79 -4.78 -25.75 -18.91
C HIS A 79 -3.78 -25.66 -17.81
N ALA A 80 -3.27 -26.80 -17.37
CA ALA A 80 -2.13 -26.83 -16.45
C ALA A 80 -1.10 -27.82 -16.97
N ASP A 81 0.15 -27.38 -17.07
CA ASP A 81 1.25 -28.27 -17.42
C ASP A 81 2.08 -28.49 -16.18
N ILE A 82 2.46 -29.74 -15.94
CA ILE A 82 3.21 -30.08 -14.74
C ILE A 82 4.43 -30.91 -15.09
N ILE A 83 5.56 -30.52 -14.53
CA ILE A 83 6.79 -31.30 -14.60
C ILE A 83 7.01 -31.93 -13.23
N TYR A 84 7.13 -33.25 -13.20
CA TYR A 84 7.27 -33.97 -11.95
C TYR A 84 8.32 -35.06 -12.13
N ASP A 85 9.36 -35.00 -11.29
CA ASP A 85 10.43 -36.02 -11.28
C ASP A 85 10.92 -36.36 -12.71
N GLY A 86 11.22 -35.32 -13.48
CA GLY A 86 11.74 -35.49 -14.84
C GLY A 86 10.76 -35.97 -15.89
N HIS A 87 9.47 -35.97 -15.55
CA HIS A 87 8.40 -36.28 -16.49
C HIS A 87 7.46 -35.10 -16.63
N SER A 88 6.65 -35.11 -17.68
CA SER A 88 5.68 -34.02 -17.89
C SER A 88 4.27 -34.52 -18.19
N LEU A 89 3.28 -33.72 -17.78
CA LEU A 89 1.88 -34.03 -18.00
C LEU A 89 1.12 -32.75 -18.34
N SER A 90 0.33 -32.80 -19.41
CA SER A 90 -0.53 -31.68 -19.82
C SER A 90 -1.97 -31.98 -19.51
N LEU A 91 -2.60 -31.08 -18.76
CA LEU A 91 -3.99 -31.26 -18.32
C LEU A 91 -4.82 -30.07 -18.77
N SER A 92 -6.12 -30.29 -18.90
CA SER A 92 -7.02 -29.19 -19.16
C SER A 92 -8.32 -29.39 -18.39
N THR A 93 -9.07 -28.30 -18.28
CA THR A 93 -10.44 -28.39 -17.76
C THR A 93 -11.29 -29.24 -18.72
N VAL A 94 -12.37 -29.78 -18.19
CA VAL A 94 -13.34 -30.55 -18.99
C VAL A 94 -13.91 -29.67 -20.10
N GLY A 95 -14.20 -28.41 -19.78
CA GLY A 95 -14.74 -27.48 -20.75
C GLY A 95 -14.39 -26.03 -20.44
N LYS A 96 -15.14 -25.11 -21.04
CA LYS A 96 -14.91 -23.67 -20.84
C LYS A 96 -15.40 -23.21 -19.47
N ILE A 97 -14.71 -22.25 -18.88
CA ILE A 97 -15.15 -21.67 -17.60
C ILE A 97 -16.51 -21.00 -17.74
N ASP A 98 -17.44 -21.40 -16.88
CA ASP A 98 -18.78 -20.82 -16.87
C ASP A 98 -18.76 -19.41 -16.30
N PRO A 99 -19.66 -18.54 -16.78
CA PRO A 99 -19.79 -17.21 -16.17
C PRO A 99 -20.48 -17.30 -14.82
N ALA A 100 -20.38 -16.21 -14.05
CA ALA A 100 -21.11 -16.11 -12.79
C ALA A 100 -22.46 -15.47 -13.07
N ALA A 101 -23.52 -16.21 -12.79
CA ALA A 101 -24.86 -15.76 -13.12
C ALA A 101 -25.22 -14.48 -12.38
N GLY A 102 -25.75 -13.51 -13.11
CA GLY A 102 -26.20 -12.24 -12.53
C GLY A 102 -25.10 -11.21 -12.34
N LEU A 103 -23.85 -11.62 -12.55
CA LEU A 103 -22.72 -10.74 -12.28
C LEU A 103 -22.71 -9.54 -13.22
N GLY A 104 -22.99 -9.79 -14.50
CA GLY A 104 -23.06 -8.72 -15.49
C GLY A 104 -24.05 -7.63 -15.10
N SER A 105 -25.24 -8.05 -14.66
CA SER A 105 -26.25 -7.09 -14.22
C SER A 105 -25.83 -6.30 -12.97
N TYR A 106 -25.12 -6.95 -12.05
CA TYR A 106 -24.60 -6.27 -10.86
C TYR A 106 -23.58 -5.21 -11.25
N VAL A 107 -22.70 -5.55 -12.18
CA VAL A 107 -21.68 -4.60 -12.62
C VAL A 107 -22.34 -3.37 -13.25
N GLU A 108 -23.41 -3.59 -14.02
CA GLU A 108 -24.13 -2.48 -14.65
C GLU A 108 -24.71 -1.51 -13.62
N ALA A 109 -25.22 -2.06 -12.52
CA ALA A 109 -25.74 -1.27 -11.41
C ALA A 109 -24.62 -0.45 -10.77
N LEU A 110 -23.47 -1.08 -10.57
CA LEU A 110 -22.31 -0.40 -9.99
C LEU A 110 -21.82 0.78 -10.82
N VAL A 111 -21.90 0.65 -12.15
CA VAL A 111 -21.52 1.72 -13.08
C VAL A 111 -22.29 3.02 -12.82
N ARG A 112 -23.57 2.89 -12.52
CA ARG A 112 -24.45 4.03 -12.25
C ARG A 112 -24.13 4.78 -10.94
N LYS A 113 -23.27 4.21 -10.10
CA LYS A 113 -22.92 4.81 -8.81
C LYS A 113 -21.75 5.79 -8.85
N HIS A 114 -20.92 5.71 -9.90
CA HIS A 114 -19.78 6.63 -10.16
C HIS A 114 -18.49 6.34 -9.44
N ASP A 115 -18.52 6.32 -8.10
CA ASP A 115 -17.44 5.74 -7.31
C ASP A 115 -18.06 4.72 -6.36
N VAL A 116 -17.55 3.51 -6.38
CA VAL A 116 -18.03 2.52 -5.45
C VAL A 116 -16.86 2.02 -4.63
N ASP A 117 -17.13 1.58 -3.42
CA ASP A 117 -16.05 1.04 -2.61
C ASP A 117 -16.41 -0.35 -2.12
N PHE A 118 -15.37 -1.10 -1.76
CA PHE A 118 -15.51 -2.47 -1.29
C PHE A 118 -14.68 -2.63 -0.03
N ASN A 119 -15.21 -3.35 0.96
CA ASN A 119 -14.38 -3.74 2.09
C ASN A 119 -13.38 -4.77 1.66
N VAL A 120 -12.12 -4.53 1.96
CA VAL A 120 -11.06 -5.50 1.65
C VAL A 120 -10.03 -5.66 2.75
N VAL A 121 -9.33 -6.79 2.74
CA VAL A 121 -8.19 -7.00 3.61
C VAL A 121 -6.98 -7.07 2.70
N VAL A 122 -5.91 -6.38 3.07
CA VAL A 122 -4.69 -6.39 2.27
C VAL A 122 -3.80 -7.52 2.74
N THR A 123 -3.48 -8.45 1.85
CA THR A 123 -2.65 -9.57 2.24
C THR A 123 -1.19 -9.49 1.78
N GLN A 124 -0.93 -8.68 0.76
CA GLN A 124 0.43 -8.43 0.28
C GLN A 124 0.58 -6.97 -0.13
N MET A 125 1.76 -6.40 0.12
CA MET A 125 2.10 -5.09 -0.41
C MET A 125 3.45 -5.18 -1.11
N SER A 126 3.47 -4.86 -2.39
CA SER A 126 4.67 -4.95 -3.25
C SER A 126 5.45 -6.25 -3.05
N GLY A 127 4.72 -7.36 -3.05
CA GLY A 127 5.27 -8.69 -2.98
C GLY A 127 5.55 -9.23 -1.59
N GLU A 128 5.39 -8.38 -0.58
CA GLU A 128 5.69 -8.78 0.80
C GLU A 128 4.43 -9.05 1.59
N ASP A 129 4.47 -10.07 2.43
CA ASP A 129 3.31 -10.40 3.24
C ASP A 129 2.92 -9.20 4.11
N HIS A 130 1.62 -8.97 4.17
CA HIS A 130 1.04 -7.93 4.98
C HIS A 130 0.11 -8.64 5.91
N THR A 131 0.53 -8.80 7.16
CA THR A 131 -0.22 -9.67 8.10
C THR A 131 -1.49 -9.03 8.68
N SER A 132 -1.54 -7.69 8.73
CA SER A 132 -2.68 -6.96 9.33
C SER A 132 -4.00 -7.32 8.67
N GLU A 133 -5.02 -7.55 9.49
CA GLU A 133 -6.35 -7.91 9.02
C GLU A 133 -7.28 -6.70 8.93
N SER A 134 -6.74 -5.50 9.18
CA SER A 134 -7.56 -4.30 9.20
C SER A 134 -8.32 -4.12 7.90
N ILE A 135 -9.61 -3.81 8.02
CA ILE A 135 -10.45 -3.57 6.84
C ILE A 135 -10.05 -2.24 6.19
N HIS A 136 -9.78 -2.32 4.89
CA HIS A 136 -9.52 -1.17 4.03
C HIS A 136 -10.72 -0.96 3.11
N LEU A 137 -10.84 0.26 2.59
CA LEU A 137 -11.79 0.50 1.52
C LEU A 137 -11.04 0.58 0.19
N PHE A 138 -11.48 -0.27 -0.75
CA PHE A 138 -10.98 -0.26 -2.13
C PHE A 138 -11.98 0.46 -3.01
N HIS A 139 -11.61 1.67 -3.43
CA HIS A 139 -12.48 2.56 -4.23
C HIS A 139 -12.19 2.38 -5.69
N VAL A 140 -13.22 2.04 -6.46
CA VAL A 140 -13.09 1.90 -7.91
C VAL A 140 -13.94 3.01 -8.53
N GLY A 141 -13.27 4.01 -9.09
CA GLY A 141 -13.94 5.23 -9.58
C GLY A 141 -13.77 5.42 -11.07
N LYS A 142 -14.44 6.44 -11.60
CA LYS A 142 -14.47 6.67 -13.04
C LYS A 142 -13.07 6.89 -13.59
N MET A 143 -12.18 7.46 -12.79
CA MET A 143 -10.84 7.74 -13.29
C MET A 143 -9.67 7.20 -12.50
N ARG A 144 -9.95 6.66 -11.33
CA ARG A 144 -8.87 6.24 -10.44
C ARG A 144 -9.33 5.15 -9.52
N ILE A 145 -8.35 4.38 -9.04
CA ILE A 145 -8.57 3.47 -7.93
C ILE A 145 -7.82 4.01 -6.74
N LYS A 146 -8.43 3.92 -5.56
CA LYS A 146 -7.66 4.22 -4.36
C LYS A 146 -7.93 3.20 -3.26
N LEU A 147 -6.92 2.97 -2.46
CA LEU A 147 -7.02 2.05 -1.34
C LEU A 147 -6.79 2.87 -0.08
N CYS A 148 -7.72 2.80 0.87
CA CYS A 148 -7.67 3.62 2.10
C CYS A 148 -7.83 2.75 3.32
N LYS A 149 -7.19 3.16 4.42
CA LYS A 149 -7.44 2.55 5.74
C LYS A 149 -7.95 3.68 6.61
N GLY A 150 -9.21 3.59 7.03
CA GLY A 150 -9.88 4.74 7.65
C GLY A 150 -9.69 5.98 6.81
N LYS A 151 -9.20 7.03 7.44
CA LYS A 151 -9.06 8.33 6.81
C LYS A 151 -7.80 8.49 5.96
N THR A 152 -6.90 7.51 6.03
CA THR A 152 -5.60 7.61 5.39
C THR A 152 -5.57 6.87 4.06
N VAL A 153 -5.04 7.53 3.04
CA VAL A 153 -4.85 6.90 1.74
C VAL A 153 -3.55 6.08 1.71
N ILE A 154 -3.66 4.82 1.29
CA ILE A 154 -2.51 3.92 1.15
C ILE A 154 -1.92 4.05 -0.24
N ALA A 155 -2.78 4.13 -1.24
CA ALA A 155 -2.39 4.34 -2.64
C ALA A 155 -3.53 4.91 -3.43
N LYS A 156 -3.21 5.81 -4.35
CA LYS A 156 -4.21 6.38 -5.24
C LYS A 156 -3.53 6.48 -6.60
N GLU A 157 -4.20 5.97 -7.63
CA GLU A 157 -3.62 6.03 -8.97
C GLU A 157 -4.71 6.12 -10.04
N TYR A 158 -4.55 7.07 -10.95
CA TYR A 158 -5.42 7.18 -12.12
C TYR A 158 -5.12 6.06 -13.10
N TYR A 159 -6.15 5.60 -13.82
CA TYR A 159 -5.95 4.56 -14.81
C TYR A 159 -4.85 5.00 -15.77
N SER A 160 -3.97 4.06 -16.08
CA SER A 160 -2.79 4.30 -16.90
C SER A 160 -2.42 3.00 -17.61
N SER A 161 -1.65 3.13 -18.68
CA SER A 161 -1.23 1.93 -19.41
C SER A 161 -0.30 1.04 -18.58
N ALA A 162 0.38 1.62 -17.59
CA ALA A 162 1.27 0.87 -16.69
C ALA A 162 0.53 0.02 -15.66
N MET A 163 -0.66 0.46 -15.27
CA MET A 163 -1.43 -0.21 -14.21
C MET A 163 -1.79 -1.65 -14.60
N GLN A 164 -1.82 -2.55 -13.62
CA GLN A 164 -2.29 -3.91 -13.89
C GLN A 164 -3.35 -4.27 -12.86
N LEU A 165 -4.30 -5.09 -13.27
CA LEU A 165 -5.33 -5.58 -12.34
C LEU A 165 -5.88 -6.89 -12.86
N CYS A 166 -5.87 -7.90 -11.99
CA CYS A 166 -6.39 -9.21 -12.37
C CYS A 166 -6.68 -10.03 -11.13
N GLY A 167 -7.38 -11.14 -11.30
CA GLY A 167 -7.50 -12.10 -10.21
C GLY A 167 -6.12 -12.59 -9.78
N VAL A 168 -5.93 -12.84 -8.48
CA VAL A 168 -4.64 -13.29 -7.97
C VAL A 168 -4.20 -14.61 -8.62
N ARG A 169 -2.87 -14.77 -8.78
CA ARG A 169 -2.29 -15.93 -9.43
C ARG A 169 -1.39 -16.79 -8.56
N GLY A 170 -0.82 -16.23 -7.49
CA GLY A 170 0.09 -17.03 -6.65
C GLY A 170 -0.28 -17.38 -5.23
N GLY A 171 -1.57 -17.45 -4.90
CA GLY A 171 -1.96 -17.66 -3.49
C GLY A 171 -3.27 -18.37 -3.23
N GLY A 172 -3.34 -19.64 -3.66
CA GLY A 172 -4.60 -20.39 -3.70
C GLY A 172 -5.40 -20.62 -2.43
N ASN A 173 -6.66 -21.01 -2.62
CA ASN A 173 -7.64 -21.32 -1.55
C ASN A 173 -8.35 -20.09 -0.99
N ALA A 174 -7.58 -19.02 -0.82
CA ALA A 174 -8.11 -17.69 -0.63
C ALA A 174 -8.35 -17.08 -2.00
N ALA A 175 -7.67 -17.64 -3.00
CA ALA A 175 -7.49 -17.00 -4.31
C ALA A 175 -8.73 -16.47 -5.02
N ALA A 176 -9.83 -17.20 -4.95
CA ALA A 176 -11.01 -16.81 -5.70
C ALA A 176 -11.63 -15.51 -5.16
N GLN A 177 -11.20 -15.11 -3.97
CA GLN A 177 -11.70 -13.89 -3.35
C GLN A 177 -10.71 -12.73 -3.45
N ALA A 178 -9.57 -12.94 -4.10
CA ALA A 178 -8.53 -11.91 -4.08
C ALA A 178 -8.11 -11.46 -5.46
N LEU A 179 -7.69 -10.20 -5.54
CA LEU A 179 -7.12 -9.66 -6.78
C LEU A 179 -5.72 -9.10 -6.53
N TYR A 180 -4.96 -8.98 -7.62
CA TYR A 180 -3.68 -8.32 -7.67
C TYR A 180 -3.88 -6.98 -8.36
N TRP A 181 -3.37 -5.91 -7.74
CA TRP A 181 -3.41 -4.58 -8.34
C TRP A 181 -2.04 -3.99 -8.32
N GLN A 182 -1.50 -3.69 -9.51
CA GLN A 182 -0.24 -2.97 -9.57
C GLN A 182 -0.58 -1.55 -9.96
N ALA A 183 -0.45 -0.63 -9.00
CA ALA A 183 -0.83 0.76 -9.20
C ALA A 183 0.13 1.39 -10.20
N LYS A 184 1.42 1.13 -9.99
CA LYS A 184 2.50 1.56 -10.87
C LYS A 184 3.70 0.67 -10.55
N LYS A 185 4.79 0.82 -11.30
CA LYS A 185 5.97 -0.02 -11.11
C LYS A 185 6.44 0.02 -9.65
N GLY A 186 6.57 -1.15 -9.03
CA GLY A 186 7.03 -1.27 -7.65
C GLY A 186 5.99 -0.99 -6.56
N VAL A 187 4.76 -0.70 -6.98
CA VAL A 187 3.66 -0.42 -6.07
C VAL A 187 2.51 -1.37 -6.40
N SER A 188 2.36 -2.43 -5.62
CA SER A 188 1.31 -3.43 -5.89
C SER A 188 0.72 -3.94 -4.60
N PHE A 189 -0.43 -4.58 -4.71
CA PHE A 189 -1.15 -5.10 -3.56
C PHE A 189 -1.87 -6.34 -3.96
N VAL A 190 -2.02 -7.27 -3.01
CA VAL A 190 -2.99 -8.33 -3.14
C VAL A 190 -4.07 -8.02 -2.13
N ILE A 191 -5.31 -7.99 -2.59
CA ILE A 191 -6.45 -7.52 -1.81
C ILE A 191 -7.54 -8.58 -1.79
N ALA A 192 -8.05 -8.90 -0.60
CA ALA A 192 -9.08 -9.93 -0.43
C ALA A 192 -10.45 -9.33 -0.11
N PHE A 193 -11.46 -9.79 -0.84
CA PHE A 193 -12.83 -9.27 -0.75
C PHE A 193 -13.67 -10.17 0.15
N GLU A 194 -14.88 -9.71 0.47
CA GLU A 194 -15.78 -10.48 1.33
C GLU A 194 -16.37 -11.70 0.63
N SER A 195 -16.37 -11.67 -0.69
CA SER A 195 -16.84 -12.81 -1.47
C SER A 195 -16.22 -12.77 -2.86
N GLU A 196 -16.35 -13.89 -3.55
CA GLU A 196 -15.86 -14.03 -4.93
C GLU A 196 -16.61 -13.08 -5.85
N ARG A 197 -17.92 -12.97 -5.63
CA ARG A 197 -18.74 -12.07 -6.43
C ARG A 197 -18.23 -10.64 -6.34
N GLU A 198 -17.86 -10.21 -5.14
CA GLU A 198 -17.41 -8.84 -4.96
C GLU A 198 -16.07 -8.61 -5.64
N ARG A 199 -15.17 -9.58 -5.49
CA ARG A 199 -13.86 -9.55 -6.16
C ARG A 199 -14.02 -9.44 -7.67
N ASN A 200 -14.85 -10.30 -8.25
CA ASN A 200 -15.05 -10.24 -9.69
C ASN A 200 -15.76 -8.98 -10.18
N ALA A 201 -16.70 -8.46 -9.39
CA ALA A 201 -17.35 -7.21 -9.72
C ALA A 201 -16.33 -6.06 -9.75
N ALA A 202 -15.43 -6.05 -8.77
CA ALA A 202 -14.42 -5.00 -8.72
C ALA A 202 -13.51 -5.06 -9.94
N ILE A 203 -13.12 -6.28 -10.34
CA ILE A 203 -12.24 -6.45 -11.52
C ILE A 203 -12.98 -5.93 -12.76
N MET A 204 -14.22 -6.36 -12.95
CA MET A 204 -14.97 -5.96 -14.14
C MET A 204 -15.26 -4.46 -14.18
N LEU A 205 -15.57 -3.90 -13.01
CA LEU A 205 -15.89 -2.47 -12.89
C LEU A 205 -14.66 -1.62 -13.22
N ALA A 206 -13.52 -1.99 -12.64
CA ALA A 206 -12.25 -1.26 -12.89
C ALA A 206 -11.93 -1.30 -14.36
N ARG A 207 -12.11 -2.48 -14.97
CA ARG A 207 -11.80 -2.61 -16.39
C ARG A 207 -12.74 -1.75 -17.25
N ARG A 208 -14.01 -1.68 -16.86
CA ARG A 208 -14.98 -0.88 -17.61
C ARG A 208 -14.62 0.60 -17.51
N PHE A 209 -14.35 1.07 -16.29
CA PHE A 209 -13.97 2.47 -16.08
C PHE A 209 -12.66 2.84 -16.80
N ALA A 210 -11.67 1.94 -16.73
CA ALA A 210 -10.41 2.12 -17.44
C ALA A 210 -10.67 2.23 -18.93
N CYS A 211 -11.53 1.36 -19.44
CA CYS A 211 -11.83 1.34 -20.88
C CYS A 211 -12.44 2.67 -21.36
N ASP A 212 -13.29 3.25 -20.52
CA ASP A 212 -13.89 4.57 -20.80
C ASP A 212 -12.85 5.69 -20.79
N CYS A 213 -11.72 5.43 -20.13
CA CYS A 213 -10.59 6.36 -20.11
C CYS A 213 -9.56 6.01 -21.19
N ASN A 214 -9.93 5.11 -22.09
CA ASN A 214 -9.06 4.64 -23.18
C ASN A 214 -7.83 3.87 -22.68
N VAL A 215 -8.03 3.14 -21.59
CA VAL A 215 -6.98 2.31 -21.00
C VAL A 215 -7.45 0.86 -20.98
N THR A 216 -6.59 -0.05 -21.42
CA THR A 216 -6.90 -1.46 -21.39
C THR A 216 -6.18 -2.06 -20.20
N LEU A 217 -6.94 -2.27 -19.12
CA LEU A 217 -6.41 -2.73 -17.85
C LEU A 217 -6.50 -4.25 -17.73
N ALA A 218 -5.37 -4.89 -17.51
CA ALA A 218 -5.34 -6.36 -17.45
C ALA A 218 -4.25 -6.86 -16.51
N GLY A 219 -4.09 -8.18 -16.42
CA GLY A 219 -3.00 -8.78 -15.67
C GLY A 219 -1.70 -8.72 -16.45
N PRO A 220 -0.57 -8.98 -15.77
CA PRO A 220 0.74 -8.98 -16.43
C PRO A 220 0.73 -9.97 -17.59
N GLU A 221 1.19 -9.52 -18.76
CA GLU A 221 1.29 -10.37 -19.98
C GLU A 221 -0.04 -10.87 -20.56
N ASP A 222 -1.18 -10.35 -20.08
CA ASP A 222 -2.46 -10.79 -20.65
C ASP A 222 -2.58 -10.36 -22.12
N ARG A 223 -3.15 -11.26 -22.93
CA ARG A 223 -3.53 -10.94 -24.31
C ARG A 223 -4.97 -10.45 -24.33
N THR A 224 -5.18 -9.22 -24.78
CA THR A 224 -6.51 -8.61 -24.75
C THR A 224 -7.15 -8.47 -26.14
N LEU B 13 -7.51 12.54 35.02
CA LEU B 13 -6.44 12.30 34.02
C LEU B 13 -6.47 10.87 33.50
N VAL B 14 -7.53 10.55 32.76
CA VAL B 14 -7.68 9.21 32.19
C VAL B 14 -7.79 9.26 30.66
N TYR B 15 -6.67 8.94 30.03
CA TYR B 15 -6.54 8.97 28.59
C TYR B 15 -5.93 7.64 28.17
N GLU B 16 -5.98 7.40 26.86
CA GLU B 16 -5.47 6.19 26.25
C GLU B 16 -4.86 6.55 24.89
N ILE B 17 -3.97 5.72 24.38
CA ILE B 17 -3.44 5.91 23.04
C ILE B 17 -4.25 5.02 22.11
N ASP B 18 -4.96 5.62 21.17
CA ASP B 18 -5.67 4.84 20.16
C ASP B 18 -4.98 4.91 18.81
N GLY B 19 -5.25 3.91 17.98
CA GLY B 19 -4.69 3.82 16.64
C GLY B 19 -3.78 2.63 16.56
N THR B 20 -3.33 2.33 15.35
CA THR B 20 -2.52 1.15 15.10
C THR B 20 -1.05 1.49 15.26
N GLU B 21 -0.31 0.62 15.94
CA GLU B 21 1.14 0.84 16.16
C GLU B 21 1.99 0.40 14.98
N ALA B 22 1.89 1.14 13.87
CA ALA B 22 2.53 0.68 12.63
C ALA B 22 2.79 1.86 11.72
N LEU B 23 3.89 1.81 10.98
CA LEU B 23 4.20 2.87 10.03
C LEU B 23 3.08 2.95 9.02
N GLY B 24 2.59 4.18 8.79
CA GLY B 24 1.45 4.42 7.90
C GLY B 24 0.18 4.80 8.64
N SER B 25 0.13 4.49 9.93
CA SER B 25 -1.02 4.81 10.76
C SER B 25 -0.80 6.01 11.67
N CYS B 26 -1.84 6.40 12.39
CA CYS B 26 -1.79 7.52 13.34
CA CYS B 26 -1.75 7.51 13.32
C CYS B 26 -2.07 7.05 14.73
N LEU B 27 -1.33 7.58 15.70
CA LEU B 27 -1.62 7.33 17.12
C LEU B 27 -2.22 8.60 17.69
N ARG B 28 -3.22 8.42 18.56
CA ARG B 28 -4.02 9.54 19.03
C ARG B 28 -4.28 9.39 20.53
N VAL B 29 -3.83 10.36 21.33
CA VAL B 29 -4.22 10.39 22.75
C VAL B 29 -5.69 10.78 22.81
N ARG B 30 -6.51 9.95 23.47
CA ARG B 30 -7.96 10.18 23.56
C ARG B 30 -8.46 9.97 24.97
N PRO B 31 -9.47 10.76 25.40
CA PRO B 31 -10.04 10.52 26.73
C PRO B 31 -10.74 9.17 26.80
N CYS B 32 -10.66 8.53 27.97
CA CYS B 32 -11.32 7.25 28.18
C CYS B 32 -12.81 7.48 28.40
N SER B 33 -13.14 8.60 29.04
CA SER B 33 -14.52 8.98 29.32
C SER B 33 -14.69 10.50 29.21
N ASN B 34 -15.93 10.97 29.24
CA ASN B 34 -16.23 12.40 29.15
C ASN B 34 -15.88 13.21 30.40
N ASP B 35 -15.37 12.54 31.43
CA ASP B 35 -14.91 13.21 32.65
C ASP B 35 -13.53 13.86 32.51
N ALA B 36 -12.78 13.45 31.49
CA ALA B 36 -11.42 13.93 31.26
C ALA B 36 -11.37 15.37 30.72
N PRO B 37 -10.37 16.17 31.15
CA PRO B 37 -10.15 17.54 30.67
C PRO B 37 -9.87 17.63 29.16
N ASP B 38 -10.22 18.77 28.56
CA ASP B 38 -9.94 19.04 27.15
C ASP B 38 -8.44 18.95 26.86
N LEU B 39 -8.08 18.22 25.81
CA LEU B 39 -6.67 18.01 25.48
C LEU B 39 -5.95 19.29 25.03
N SER B 40 -6.71 20.27 24.56
CA SER B 40 -6.15 21.58 24.22
C SER B 40 -5.71 22.35 25.47
N LYS B 41 -6.20 21.90 26.64
CA LYS B 41 -5.84 22.47 27.94
C LYS B 41 -4.65 21.74 28.58
N CYS B 42 -4.15 20.71 27.88
CA CYS B 42 -3.04 19.91 28.39
C CYS B 42 -1.72 20.27 27.71
N THR B 43 -0.62 19.99 28.41
CA THR B 43 0.71 19.96 27.80
C THR B 43 1.05 18.51 27.47
N ILE B 44 1.28 18.25 26.18
CA ILE B 44 1.54 16.90 25.67
C ILE B 44 2.93 16.83 25.04
N GLN B 45 3.63 15.71 25.24
CA GLN B 45 4.93 15.47 24.61
C GLN B 45 5.12 13.99 24.28
N TRP B 46 5.52 13.71 23.03
CA TRP B 46 5.82 12.35 22.61
C TRP B 46 7.29 12.01 22.71
N TYR B 47 7.56 10.74 22.97
CA TYR B 47 8.93 10.22 23.09
C TYR B 47 9.07 8.93 22.29
N ARG B 48 10.29 8.65 21.85
CA ARG B 48 10.60 7.31 21.31
C ARG B 48 11.68 6.65 22.15
N SER B 49 11.58 5.34 22.30
CA SER B 49 12.64 4.59 22.97
C SER B 49 13.92 4.67 22.15
N SER B 50 15.07 4.62 22.81
CA SER B 50 16.33 4.46 22.09
C SER B 50 16.33 3.10 21.40
N SER B 51 17.22 2.91 20.43
CA SER B 51 17.29 1.66 19.67
C SER B 51 17.35 0.42 20.56
N ASP B 52 18.16 0.48 21.62
CA ASP B 52 18.29 -0.65 22.57
C ASP B 52 17.16 -0.70 23.63
N GLY B 53 16.41 0.39 23.76
CA GLY B 53 15.23 0.42 24.61
C GLY B 53 15.44 0.93 26.03
N SER B 54 16.65 1.37 26.35
CA SER B 54 16.98 1.78 27.72
C SER B 54 16.63 3.24 28.03
N LYS B 55 16.49 4.05 27.00
CA LYS B 55 16.30 5.50 27.17
C LYS B 55 14.99 5.96 26.51
N LYS B 56 14.42 7.05 27.03
CA LYS B 56 13.31 7.75 26.37
C LYS B 56 13.87 9.01 25.71
N GLU B 57 13.65 9.16 24.40
CA GLU B 57 14.12 10.33 23.65
C GLU B 57 12.94 11.21 23.25
N LEU B 58 12.99 12.48 23.68
CA LEU B 58 11.94 13.45 23.35
C LEU B 58 11.90 13.75 21.85
N ILE B 59 10.74 13.55 21.21
CA ILE B 59 10.57 13.85 19.79
C ILE B 59 10.27 15.34 19.64
N SER B 60 11.29 16.10 19.25
CA SER B 60 11.20 17.55 19.24
C SER B 60 10.04 18.09 18.39
N GLY B 61 9.09 18.73 19.04
CA GLY B 61 7.98 19.39 18.35
C GLY B 61 6.74 18.53 18.25
N ALA B 62 6.81 17.30 18.75
CA ALA B 62 5.66 16.39 18.79
C ALA B 62 4.88 16.64 20.07
N THR B 63 4.07 17.69 20.02
CA THR B 63 3.39 18.23 21.19
C THR B 63 1.87 18.22 21.02
N LYS B 64 1.38 17.45 20.05
CA LYS B 64 -0.04 17.35 19.81
C LYS B 64 -0.61 16.04 20.34
N SER B 65 -1.93 15.96 20.44
CA SER B 65 -2.60 14.72 20.85
C SER B 65 -2.39 13.60 19.82
N VAL B 66 -2.09 13.98 18.58
CA VAL B 66 -1.87 13.06 17.47
C VAL B 66 -0.39 13.00 17.11
N TYR B 67 0.14 11.79 16.98
CA TYR B 67 1.49 11.58 16.43
C TYR B 67 1.43 10.44 15.42
N ALA B 68 1.82 10.71 14.18
CA ALA B 68 1.90 9.67 13.15
C ALA B 68 3.34 9.20 13.10
N PRO B 69 3.60 7.92 13.43
CA PRO B 69 4.98 7.44 13.32
C PRO B 69 5.60 7.65 11.94
N GLU B 70 6.92 7.79 11.93
CA GLU B 70 7.65 7.91 10.68
C GLU B 70 8.75 6.81 10.66
N PRO B 71 9.48 6.67 9.55
CA PRO B 71 10.42 5.54 9.46
C PRO B 71 11.40 5.40 10.63
N PHE B 72 11.80 6.52 11.22
CA PHE B 72 12.72 6.55 12.34
C PHE B 72 12.15 5.85 13.58
N ASP B 73 10.82 5.81 13.67
CA ASP B 73 10.13 5.21 14.81
C ASP B 73 9.93 3.71 14.67
N VAL B 74 10.17 3.16 13.48
CA VAL B 74 10.00 1.72 13.32
C VAL B 74 10.97 1.01 14.24
N GLY B 75 10.46 0.05 14.98
CA GLY B 75 11.28 -0.74 15.90
C GLY B 75 11.42 -0.09 17.27
N ARG B 76 10.74 1.05 17.46
CA ARG B 76 10.78 1.77 18.74
C ARG B 76 9.44 1.73 19.45
N VAL B 77 9.50 1.71 20.78
CA VAL B 77 8.32 1.93 21.63
C VAL B 77 8.10 3.44 21.75
N LEU B 78 6.84 3.88 21.61
CA LEU B 78 6.54 5.29 21.73
C LEU B 78 5.81 5.60 23.03
N HIS B 79 6.01 6.81 23.54
CA HIS B 79 5.38 7.24 24.78
C HIS B 79 4.76 8.59 24.60
N ALA B 80 3.66 8.85 25.29
CA ALA B 80 3.07 10.19 25.32
C ALA B 80 2.93 10.57 26.78
N ASP B 81 3.49 11.71 27.14
CA ASP B 81 3.30 12.28 28.49
C ASP B 81 2.38 13.49 28.45
N ILE B 82 1.48 13.56 29.44
CA ILE B 82 0.37 14.51 29.44
C ILE B 82 0.37 15.24 30.78
N ILE B 83 0.34 16.57 30.76
CA ILE B 83 0.14 17.36 31.99
C ILE B 83 -1.07 18.27 31.88
N TYR B 84 -1.93 18.23 32.91
CA TYR B 84 -3.01 19.19 33.05
C TYR B 84 -3.00 19.80 34.46
N ASP B 85 -2.83 21.13 34.52
CA ASP B 85 -2.93 21.86 35.79
C ASP B 85 -2.22 21.15 36.95
N GLY B 86 -0.95 20.81 36.73
CA GLY B 86 -0.16 20.13 37.75
C GLY B 86 -0.44 18.65 37.96
N HIS B 87 -1.23 18.06 37.08
CA HIS B 87 -1.48 16.61 37.11
C HIS B 87 -0.91 15.99 35.88
N SER B 88 -0.33 14.81 36.03
CA SER B 88 0.47 14.24 34.94
C SER B 88 0.14 12.78 34.69
N LEU B 89 0.25 12.38 33.42
CA LEU B 89 0.04 10.99 33.01
C LEU B 89 1.05 10.61 31.93
N SER B 90 1.57 9.38 32.02
CA SER B 90 2.50 8.82 31.03
C SER B 90 1.87 7.58 30.38
N LEU B 91 1.78 7.55 29.05
CA LEU B 91 1.25 6.38 28.34
C LEU B 91 2.30 5.82 27.37
N SER B 92 2.23 4.50 27.14
CA SER B 92 3.15 3.80 26.26
C SER B 92 2.39 3.03 25.18
N THR B 93 3.02 2.82 24.03
CA THR B 93 2.50 1.82 23.09
C THR B 93 2.66 0.41 23.66
N VAL B 94 1.88 -0.53 23.14
CA VAL B 94 1.93 -1.95 23.55
C VAL B 94 3.25 -2.59 23.14
N GLY B 95 3.77 -2.19 21.98
CA GLY B 95 5.05 -2.71 21.51
C GLY B 95 5.74 -1.71 20.62
N LYS B 96 6.72 -2.18 19.88
CA LYS B 96 7.46 -1.37 18.92
C LYS B 96 6.58 -1.08 17.70
N ILE B 97 6.77 0.10 17.11
CA ILE B 97 6.06 0.44 15.87
C ILE B 97 6.45 -0.54 14.76
N ASP B 98 5.44 -1.14 14.13
CA ASP B 98 5.68 -2.10 13.07
C ASP B 98 6.18 -1.44 11.77
N PRO B 99 7.01 -2.15 10.99
CA PRO B 99 7.48 -1.64 9.70
C PRO B 99 6.35 -1.66 8.67
N ALA B 100 6.56 -0.98 7.54
CA ALA B 100 5.60 -1.01 6.43
C ALA B 100 5.96 -2.09 5.41
N ALA B 101 5.06 -3.06 5.23
CA ALA B 101 5.29 -4.15 4.29
C ALA B 101 5.62 -3.63 2.91
N GLY B 102 6.72 -4.11 2.34
CA GLY B 102 7.08 -3.85 0.95
C GLY B 102 7.65 -2.46 0.67
N LEU B 103 7.73 -1.62 1.69
CA LEU B 103 8.20 -0.25 1.48
C LEU B 103 9.68 -0.25 1.11
N GLY B 104 10.45 -1.11 1.78
CA GLY B 104 11.89 -1.22 1.55
C GLY B 104 12.22 -1.50 0.09
N SER B 105 11.50 -2.44 -0.51
CA SER B 105 11.78 -2.86 -1.89
C SER B 105 11.36 -1.78 -2.90
N TYR B 106 10.31 -1.03 -2.57
CA TYR B 106 9.89 0.11 -3.38
C TYR B 106 10.95 1.22 -3.34
N VAL B 107 11.51 1.47 -2.16
CA VAL B 107 12.57 2.46 -2.01
C VAL B 107 13.84 2.03 -2.74
N GLU B 108 14.27 0.78 -2.53
CA GLU B 108 15.44 0.23 -3.22
C GLU B 108 15.38 0.48 -4.73
N ALA B 109 14.18 0.35 -5.28
CA ALA B 109 13.91 0.61 -6.70
C ALA B 109 14.11 2.08 -7.04
N LEU B 110 13.48 2.95 -6.23
CA LEU B 110 13.60 4.41 -6.42
C LEU B 110 15.05 4.87 -6.36
N VAL B 111 15.84 4.23 -5.49
CA VAL B 111 17.30 4.47 -5.41
C VAL B 111 18.00 3.79 -6.59
N ARG B 112 17.62 4.20 -7.80
CA ARG B 112 18.29 3.80 -9.03
C ARG B 112 18.03 4.87 -10.09
N LYS B 113 16.93 5.59 -9.92
CA LYS B 113 16.67 6.80 -10.67
C LYS B 113 17.44 7.95 -10.03
N HIS B 114 17.78 8.95 -10.81
CA HIS B 114 18.58 10.08 -10.33
C HIS B 114 17.70 11.09 -9.67
N ASP B 115 16.42 11.04 -10.02
CA ASP B 115 15.40 11.92 -9.48
C ASP B 115 14.04 11.23 -9.49
N VAL B 116 13.27 11.50 -8.45
CA VAL B 116 11.95 10.95 -8.29
C VAL B 116 11.14 12.14 -7.86
N ASP B 117 9.92 12.27 -8.37
CA ASP B 117 9.08 13.33 -7.87
C ASP B 117 7.73 12.82 -7.36
N PHE B 118 7.10 13.65 -6.55
CA PHE B 118 5.84 13.35 -5.92
C PHE B 118 4.93 14.58 -6.02
N ASN B 119 3.65 14.34 -6.31
CA ASN B 119 2.67 15.43 -6.17
C ASN B 119 2.41 15.72 -4.71
N VAL B 120 2.53 16.98 -4.33
CA VAL B 120 2.32 17.37 -2.94
C VAL B 120 1.54 18.68 -2.81
N VAL B 121 1.00 18.93 -1.62
CA VAL B 121 0.39 20.20 -1.27
C VAL B 121 1.19 20.81 -0.12
N VAL B 122 1.43 22.11 -0.17
CA VAL B 122 2.14 22.79 0.92
C VAL B 122 1.12 23.27 1.95
N THR B 123 1.22 22.75 3.16
CA THR B 123 0.27 23.10 4.23
C THR B 123 0.81 24.11 5.25
N GLN B 124 2.13 24.30 5.27
CA GLN B 124 2.79 25.28 6.12
C GLN B 124 4.10 25.76 5.47
N MET B 125 4.37 27.06 5.57
CA MET B 125 5.67 27.63 5.20
C MET B 125 6.30 28.36 6.37
N SER B 126 7.54 27.99 6.67
CA SER B 126 8.33 28.46 7.83
C SER B 126 7.53 28.72 9.12
N GLY B 127 6.76 27.73 9.53
CA GLY B 127 5.95 27.82 10.75
C GLY B 127 4.68 28.64 10.60
N GLU B 128 4.39 29.08 9.37
CA GLU B 128 3.19 29.86 9.06
C GLU B 128 2.21 29.05 8.20
N ASP B 129 0.95 29.01 8.62
CA ASP B 129 -0.08 28.26 7.90
CA ASP B 129 -0.07 28.26 7.90
C ASP B 129 -0.20 28.73 6.45
N HIS B 130 -0.17 27.77 5.53
CA HIS B 130 -0.31 28.06 4.11
C HIS B 130 -1.57 27.40 3.64
N THR B 131 -2.61 28.20 3.50
CA THR B 131 -3.96 27.67 3.29
C THR B 131 -4.21 27.18 1.86
N SER B 132 -3.37 27.61 0.91
CA SER B 132 -3.56 27.22 -0.48
C SER B 132 -3.20 25.77 -0.75
N GLU B 133 -4.16 25.00 -1.25
CA GLU B 133 -3.90 23.61 -1.60
C GLU B 133 -3.54 23.41 -3.09
N SER B 134 -2.87 24.42 -3.65
CA SER B 134 -2.39 24.36 -5.01
C SER B 134 -1.31 23.28 -5.14
N ILE B 135 -1.40 22.47 -6.19
CA ILE B 135 -0.47 21.34 -6.36
C ILE B 135 0.99 21.73 -6.64
N HIS B 136 1.92 21.07 -5.96
CA HIS B 136 3.36 21.29 -6.14
C HIS B 136 4.01 19.98 -6.49
N LEU B 137 5.28 20.03 -6.91
CA LEU B 137 6.05 18.83 -7.16
C LEU B 137 7.28 18.79 -6.27
N PHE B 138 7.43 17.71 -5.50
CA PHE B 138 8.54 17.56 -4.58
C PHE B 138 9.51 16.57 -5.21
N HIS B 139 10.72 17.04 -5.53
CA HIS B 139 11.72 16.19 -6.17
C HIS B 139 12.73 15.76 -5.16
N VAL B 140 12.93 14.45 -5.04
CA VAL B 140 13.98 13.87 -4.16
C VAL B 140 15.02 13.22 -5.05
N GLY B 141 16.19 13.84 -5.12
CA GLY B 141 17.22 13.43 -6.07
C GLY B 141 18.53 13.04 -5.40
N LYS B 142 19.45 12.50 -6.21
CA LYS B 142 20.73 11.99 -5.70
C LYS B 142 21.51 13.03 -4.91
N MET B 143 21.41 14.28 -5.33
CA MET B 143 22.19 15.32 -4.68
C MET B 143 21.40 16.45 -4.04
N ARG B 144 20.10 16.52 -4.31
CA ARG B 144 19.33 17.68 -3.84
C ARG B 144 17.85 17.35 -3.74
N ILE B 145 17.15 18.15 -2.95
CA ILE B 145 15.69 18.16 -2.93
C ILE B 145 15.22 19.49 -3.47
N LYS B 146 14.16 19.47 -4.28
CA LYS B 146 13.59 20.72 -4.73
C LYS B 146 12.08 20.67 -4.72
N LEU B 147 11.49 21.81 -4.39
CA LEU B 147 10.05 21.95 -4.31
C LEU B 147 9.66 22.95 -5.40
N CYS B 148 8.78 22.54 -6.29
CA CYS B 148 8.36 23.40 -7.40
C CYS B 148 6.86 23.57 -7.41
N LYS B 149 6.43 24.70 -7.94
CA LYS B 149 5.03 24.88 -8.28
C LYS B 149 5.01 25.10 -9.79
N GLY B 150 4.58 24.07 -10.52
CA GLY B 150 4.71 24.08 -11.98
C GLY B 150 6.17 24.20 -12.35
N LYS B 151 6.51 25.20 -13.16
CA LYS B 151 7.89 25.45 -13.60
C LYS B 151 8.72 26.18 -12.54
N THR B 152 8.05 26.81 -11.58
CA THR B 152 8.70 27.71 -10.61
C THR B 152 9.34 26.98 -9.43
N VAL B 153 10.64 27.19 -9.23
CA VAL B 153 11.36 26.56 -8.11
C VAL B 153 11.19 27.39 -6.85
N ILE B 154 10.49 26.81 -5.87
CA ILE B 154 10.23 27.47 -4.59
C ILE B 154 11.43 27.30 -3.68
N ALA B 155 12.03 26.11 -3.70
CA ALA B 155 13.25 25.84 -2.94
C ALA B 155 14.02 24.70 -3.61
N LYS B 156 15.34 24.80 -3.58
CA LYS B 156 16.23 23.80 -4.15
C LYS B 156 17.50 23.82 -3.32
N GLU B 157 17.77 22.74 -2.61
CA GLU B 157 18.95 22.71 -1.73
C GLU B 157 19.64 21.37 -1.85
N TYR B 158 20.96 21.40 -1.92
CA TYR B 158 21.75 20.18 -1.85
C TYR B 158 21.76 19.67 -0.42
N TYR B 159 21.90 18.36 -0.25
CA TYR B 159 21.97 17.77 1.10
C TYR B 159 23.11 18.38 1.90
N SER B 160 22.78 18.79 3.11
CA SER B 160 23.73 19.35 4.04
C SER B 160 23.28 19.08 5.48
N SER B 161 24.18 19.27 6.43
CA SER B 161 23.86 19.07 7.84
C SER B 161 22.80 20.04 8.36
N ALA B 162 22.60 21.17 7.67
CA ALA B 162 21.59 22.17 8.05
C ALA B 162 20.17 21.77 7.65
N MET B 163 20.06 20.80 6.75
CA MET B 163 18.75 20.30 6.30
C MET B 163 18.15 19.37 7.34
N GLN B 164 16.82 19.43 7.48
CA GLN B 164 16.09 18.48 8.32
C GLN B 164 14.95 17.89 7.51
N LEU B 165 14.65 16.63 7.76
CA LEU B 165 13.50 16.01 7.11
C LEU B 165 12.99 14.90 7.97
N CYS B 166 11.68 14.93 8.24
CA CYS B 166 11.06 13.94 9.12
C CYS B 166 9.55 13.93 8.91
N GLY B 167 8.88 12.91 9.44
CA GLY B 167 7.42 12.94 9.46
C GLY B 167 6.93 14.16 10.22
N VAL B 168 5.77 14.70 9.83
CA VAL B 168 5.23 15.89 10.52
C VAL B 168 5.01 15.61 12.00
N ARG B 169 5.19 16.63 12.83
CA ARG B 169 5.04 16.48 14.27
C ARG B 169 4.00 17.41 14.86
N GLY B 170 3.87 18.61 14.30
CA GLY B 170 3.00 19.65 14.87
C GLY B 170 1.54 19.56 14.46
N GLY B 171 1.00 18.35 14.37
CA GLY B 171 -0.40 18.15 14.00
C GLY B 171 -0.71 18.58 12.57
N GLY B 172 -1.88 19.20 12.39
CA GLY B 172 -2.41 19.48 11.05
C GLY B 172 -3.17 18.25 10.55
N ASN B 173 -3.89 18.41 9.45
CA ASN B 173 -4.65 17.32 8.85
C ASN B 173 -3.76 16.19 8.33
N ALA B 174 -4.22 14.96 8.49
CA ALA B 174 -3.60 13.79 7.87
C ALA B 174 -2.09 13.74 8.10
N ALA B 175 -1.69 13.69 9.37
CA ALA B 175 -0.27 13.63 9.72
C ALA B 175 0.44 12.45 9.05
N ALA B 176 -0.26 11.33 8.89
CA ALA B 176 0.37 10.13 8.31
C ALA B 176 0.84 10.36 6.87
N GLN B 177 0.29 11.39 6.23
CA GLN B 177 0.62 11.67 4.84
C GLN B 177 1.52 12.89 4.67
N ALA B 178 2.00 13.48 5.78
CA ALA B 178 2.74 14.72 5.72
C ALA B 178 4.16 14.62 6.31
N LEU B 179 5.07 15.41 5.74
CA LEU B 179 6.41 15.53 6.29
C LEU B 179 6.79 16.98 6.51
N TYR B 180 7.83 17.17 7.32
CA TYR B 180 8.43 18.46 7.57
C TYR B 180 9.78 18.50 6.87
N TRP B 181 10.01 19.54 6.09
CA TRP B 181 11.30 19.71 5.44
C TRP B 181 11.87 21.06 5.77
N GLN B 182 13.00 21.09 6.46
CA GLN B 182 13.75 22.35 6.62
C GLN B 182 14.84 22.36 5.54
N ALA B 183 14.65 23.23 4.54
CA ALA B 183 15.55 23.32 3.38
C ALA B 183 16.88 23.91 3.82
N LYS B 184 16.79 24.89 4.71
CA LYS B 184 17.96 25.47 5.38
C LYS B 184 17.49 26.25 6.61
N LYS B 185 18.43 26.66 7.46
CA LYS B 185 18.10 27.43 8.68
C LYS B 185 17.04 28.48 8.37
N GLY B 186 15.97 28.46 9.17
CA GLY B 186 14.89 29.43 9.05
C GLY B 186 14.02 29.34 7.79
N VAL B 187 14.13 28.23 7.06
CA VAL B 187 13.35 28.03 5.82
C VAL B 187 12.77 26.62 5.80
N SER B 188 11.47 26.49 6.07
CA SER B 188 10.86 25.17 6.18
C SER B 188 9.45 25.06 5.59
N PHE B 189 9.01 23.83 5.35
CA PHE B 189 7.70 23.56 4.79
C PHE B 189 7.12 22.33 5.45
N VAL B 190 5.80 22.30 5.57
CA VAL B 190 5.08 21.03 5.75
C VAL B 190 4.45 20.67 4.42
N ILE B 191 4.69 19.44 4.00
CA ILE B 191 4.33 18.96 2.66
C ILE B 191 3.42 17.74 2.81
N ALA B 192 2.27 17.77 2.14
CA ALA B 192 1.28 16.69 2.24
C ALA B 192 1.26 15.86 0.97
N PHE B 193 1.39 14.54 1.11
CA PHE B 193 1.44 13.62 -0.01
C PHE B 193 0.06 12.99 -0.27
N GLU B 194 -0.07 12.35 -1.42
CA GLU B 194 -1.32 11.74 -1.87
C GLU B 194 -1.62 10.45 -1.13
N SER B 195 -0.60 9.90 -0.50
CA SER B 195 -0.72 8.66 0.27
C SER B 195 0.35 8.58 1.36
N GLU B 196 0.10 7.74 2.37
CA GLU B 196 1.11 7.53 3.42
C GLU B 196 2.33 6.82 2.86
N ARG B 197 2.15 5.95 1.89
CA ARG B 197 3.28 5.19 1.35
C ARG B 197 4.24 6.10 0.61
N GLU B 198 3.69 7.07 -0.14
CA GLU B 198 4.54 8.04 -0.83
C GLU B 198 5.30 8.93 0.15
N ARG B 199 4.60 9.38 1.20
CA ARG B 199 5.21 10.16 2.29
C ARG B 199 6.41 9.41 2.90
N ASN B 200 6.19 8.14 3.22
CA ASN B 200 7.23 7.34 3.86
C ASN B 200 8.37 6.99 2.90
N ALA B 201 8.02 6.69 1.65
CA ALA B 201 9.01 6.42 0.62
C ALA B 201 9.88 7.65 0.41
N ALA B 202 9.27 8.84 0.39
CA ALA B 202 10.02 10.08 0.20
C ALA B 202 11.04 10.28 1.33
N ILE B 203 10.60 10.05 2.56
CA ILE B 203 11.50 10.17 3.72
C ILE B 203 12.66 9.18 3.60
N MET B 204 12.35 7.92 3.31
CA MET B 204 13.39 6.89 3.25
C MET B 204 14.35 7.15 2.11
N LEU B 205 13.80 7.60 0.97
CA LEU B 205 14.61 7.86 -0.20
C LEU B 205 15.58 9.01 0.02
N ALA B 206 15.08 10.13 0.59
CA ALA B 206 15.92 11.29 0.85
C ALA B 206 17.05 10.94 1.80
N ARG B 207 16.74 10.19 2.86
CA ARG B 207 17.77 9.78 3.80
C ARG B 207 18.84 8.90 3.17
N ARG B 208 18.44 8.02 2.25
CA ARG B 208 19.38 7.16 1.53
C ARG B 208 20.32 8.01 0.68
N PHE B 209 19.76 8.93 -0.11
CA PHE B 209 20.58 9.82 -0.93
C PHE B 209 21.49 10.72 -0.10
N ALA B 210 20.96 11.27 0.99
CA ALA B 210 21.72 12.12 1.89
C ALA B 210 22.91 11.34 2.46
N CYS B 211 22.65 10.08 2.82
CA CYS B 211 23.68 9.21 3.39
CA CYS B 211 23.67 9.18 3.38
C CYS B 211 24.85 9.00 2.43
N ASP B 212 24.55 8.83 1.15
CA ASP B 212 25.59 8.67 0.12
C ASP B 212 26.42 9.94 -0.06
N CYS B 213 25.81 11.09 0.22
CA CYS B 213 26.50 12.39 0.20
C CYS B 213 27.19 12.65 1.55
N ASN B 214 27.24 11.61 2.39
CA ASN B 214 27.70 11.71 3.77
C ASN B 214 27.02 12.76 4.66
N VAL B 215 25.68 12.79 4.57
CA VAL B 215 24.86 13.65 5.40
C VAL B 215 23.87 12.75 6.14
N THR B 216 23.68 13.02 7.42
CA THR B 216 22.69 12.29 8.21
C THR B 216 21.46 13.17 8.28
N LEU B 217 20.47 12.84 7.46
CA LEU B 217 19.26 13.65 7.34
C LEU B 217 18.19 13.14 8.28
N ALA B 218 17.76 13.98 9.21
CA ALA B 218 16.77 13.60 10.22
C ALA B 218 15.92 14.78 10.67
N GLY B 219 15.08 14.52 11.67
CA GLY B 219 14.25 15.57 12.25
C GLY B 219 15.02 16.38 13.26
N PRO B 220 14.48 17.54 13.66
CA PRO B 220 15.18 18.33 14.66
C PRO B 220 15.39 17.50 15.93
N GLU B 221 16.64 17.50 16.43
CA GLU B 221 17.02 16.82 17.68
C GLU B 221 16.95 15.28 17.70
N ASP B 222 16.74 14.65 16.54
CA ASP B 222 16.77 13.18 16.46
C ASP B 222 18.15 12.66 16.84
N ARG B 223 18.17 11.58 17.62
CA ARG B 223 19.44 10.94 18.02
C ARG B 223 19.94 9.98 16.94
N THR B 224 21.05 10.37 16.30
CA THR B 224 21.65 9.71 15.12
C THR B 224 20.64 9.43 13.99
C1 MLI C . -10.45 12.32 -5.62
C2 MLI C . -9.19 12.33 -6.48
C3 MLI C . -10.63 10.98 -4.91
O6 MLI C . -9.20 11.72 -7.58
O7 MLI C . -8.18 12.95 -6.08
O8 MLI C . -9.63 10.24 -4.77
O9 MLI C . -11.76 10.69 -4.47
C1 MLI D . 19.17 20.84 -11.34
C2 MLI D . 19.12 22.35 -11.30
C3 MLI D . 18.03 20.29 -10.52
O6 MLI D . 20.02 22.98 -10.71
O7 MLI D . 18.17 22.93 -11.87
O8 MLI D . 17.25 19.45 -11.03
O9 MLI D . 17.88 20.70 -9.35
#